data_1GWR
#
_entry.id   1GWR
#
_cell.length_a   56.310
_cell.length_b   90.540
_cell.length_c   59.230
_cell.angle_alpha   90.00
_cell.angle_beta   109.83
_cell.angle_gamma   90.00
#
_symmetry.space_group_name_H-M   'P 1 21 1'
#
loop_
_entity.id
_entity.type
_entity.pdbx_description
1 polymer 'OESTROGEN RECEPTOR'
2 polymer 'TRANSCRIPTION INTERMEDIARY FACTOR-2'
3 non-polymer ESTRADIOL
4 water water
#
loop_
_entity_poly.entity_id
_entity_poly.type
_entity_poly.pdbx_seq_one_letter_code
_entity_poly.pdbx_strand_id
1 'polypeptide(L)'
;SLALSLTADQMVSALLDAEPPILYSEYDPTRPFSEASMMGLLTNLADRELVHMINWAKRVPGFVDLTLHDQVHLLECAWL
EILMIGLVWRSMEHPGKLLFAPNLLLDRNQGKCVEGMVEIFDMLLATSSRFRMMNLQGEEFVCLKSIILLNSGVYTFLSS
TLKSLEEKDHIHRVLDKITDTLIHLMAKAGLTLQQQHQRLAQLLLILSHIRHMSNKGMEHLYSMKCKNVVPLYDLLLEML
DAHRL
;
A,B
2 'polypeptide(L)' NALLRYLLD C,D
#
# COMPACT_ATOMS: atom_id res chain seq x y z
N LEU A 2 -11.60 22.10 15.77
CA LEU A 2 -10.55 23.12 16.10
C LEU A 2 -9.33 22.95 15.22
N ALA A 3 -8.95 21.69 15.05
CA ALA A 3 -7.84 21.23 14.24
C ALA A 3 -7.91 21.71 12.80
N LEU A 4 -9.10 21.74 12.22
CA LEU A 4 -9.34 22.18 10.87
C LEU A 4 -8.99 23.64 10.64
N SER A 5 -8.81 24.41 11.68
CA SER A 5 -8.48 25.81 11.65
C SER A 5 -7.00 26.11 11.82
N LEU A 6 -6.11 25.14 11.71
CA LEU A 6 -4.69 25.41 11.87
C LEU A 6 -4.02 25.80 10.55
N THR A 7 -2.99 26.64 10.56
CA THR A 7 -2.30 27.01 9.32
C THR A 7 -1.30 25.90 9.00
N ALA A 8 -0.63 25.98 7.85
CA ALA A 8 0.35 24.98 7.50
C ALA A 8 1.51 24.94 8.50
N ASP A 9 1.88 26.11 9.00
CA ASP A 9 2.96 26.26 9.96
C ASP A 9 2.57 25.77 11.35
N GLN A 10 1.34 26.00 11.79
CA GLN A 10 0.94 25.50 13.12
C GLN A 10 0.86 23.99 13.15
N MET A 11 0.28 23.37 12.11
CA MET A 11 0.20 21.91 12.00
C MET A 11 1.63 21.34 11.99
N VAL A 12 2.57 22.00 11.30
CA VAL A 12 3.92 21.50 11.26
C VAL A 12 4.54 21.53 12.65
N SER A 13 4.37 22.65 13.36
CA SER A 13 4.86 22.85 14.70
C SER A 13 4.23 21.79 15.59
N ALA A 14 2.93 21.71 15.59
CA ALA A 14 2.22 20.74 16.41
C ALA A 14 2.89 19.37 16.34
N LEU A 15 2.86 18.80 15.13
CA LEU A 15 3.44 17.50 14.84
C LEU A 15 4.90 17.43 15.27
N LEU A 16 5.68 18.49 15.03
CA LEU A 16 7.06 18.44 15.48
C LEU A 16 7.15 18.33 17.00
N ASP A 17 6.18 18.91 17.70
CA ASP A 17 6.29 18.81 19.17
C ASP A 17 5.85 17.45 19.69
N ALA A 18 4.89 16.84 18.95
CA ALA A 18 4.36 15.55 19.36
C ALA A 18 5.26 14.38 19.16
N GLU A 19 6.29 14.41 18.34
CA GLU A 19 7.20 13.29 18.19
C GLU A 19 7.61 12.64 19.52
N PRO A 20 7.61 11.31 19.53
CA PRO A 20 8.00 10.50 20.64
C PRO A 20 9.50 10.45 20.74
N PRO A 21 10.06 10.08 21.87
CA PRO A 21 11.45 9.95 22.11
C PRO A 21 12.11 8.74 21.49
N ILE A 22 13.42 8.67 21.36
CA ILE A 22 14.10 7.47 20.89
C ILE A 22 14.37 6.53 22.02
N LEU A 23 13.96 5.25 22.04
CA LEU A 23 14.26 4.40 23.19
C LEU A 23 15.49 3.52 22.94
N TYR A 24 16.04 3.05 24.07
CA TYR A 24 17.19 2.17 24.08
C TYR A 24 16.71 0.74 24.22
N SER A 25 17.56 -0.19 23.85
CA SER A 25 17.41 -1.62 23.96
C SER A 25 18.19 -2.21 25.14
N GLU A 26 17.68 -3.22 25.80
CA GLU A 26 18.35 -3.89 26.91
C GLU A 26 19.74 -4.28 26.45
N TYR A 27 20.75 -4.46 27.31
CA TYR A 27 22.07 -4.81 26.78
C TYR A 27 22.06 -6.24 26.24
N ARG A 31 28.25 -14.61 21.71
CA ARG A 31 28.26 -13.18 21.35
C ARG A 31 27.21 -12.90 20.30
N PRO A 32 27.13 -13.74 19.29
CA PRO A 32 26.15 -13.65 18.21
C PRO A 32 24.75 -13.93 18.77
N PHE A 33 23.80 -13.16 18.27
CA PHE A 33 22.42 -13.29 18.69
C PHE A 33 21.83 -14.65 18.33
N SER A 34 20.84 -15.08 19.12
CA SER A 34 20.14 -16.32 18.83
C SER A 34 18.79 -15.93 18.23
N GLU A 35 18.07 -16.86 17.61
CA GLU A 35 16.75 -16.54 17.05
C GLU A 35 15.89 -15.92 18.16
N ALA A 36 15.79 -16.58 19.29
CA ALA A 36 15.07 -16.15 20.45
C ALA A 36 15.60 -14.87 21.07
N SER A 37 16.91 -14.73 21.27
CA SER A 37 17.42 -13.50 21.91
C SER A 37 17.15 -12.25 21.07
N MET A 38 17.29 -12.42 19.74
CA MET A 38 17.00 -11.30 18.87
C MET A 38 15.51 -10.95 18.84
N MET A 39 14.59 -11.88 18.67
CA MET A 39 13.16 -11.45 18.71
C MET A 39 12.81 -10.91 20.06
N GLY A 40 13.46 -11.42 21.12
CA GLY A 40 13.16 -10.93 22.45
C GLY A 40 13.50 -9.45 22.49
N LEU A 41 14.65 -9.02 21.98
CA LEU A 41 14.93 -7.59 22.04
C LEU A 41 13.97 -6.75 21.21
N LEU A 42 13.72 -7.04 19.92
CA LEU A 42 12.83 -6.25 19.09
C LEU A 42 11.45 -6.05 19.62
N THR A 43 10.84 -7.06 20.16
CA THR A 43 9.55 -7.20 20.81
C THR A 43 9.44 -6.45 22.10
N ASN A 44 10.54 -6.44 22.88
CA ASN A 44 10.61 -5.72 24.14
C ASN A 44 10.70 -4.26 23.73
N LEU A 45 11.47 -3.95 22.70
CA LEU A 45 11.46 -2.57 22.19
C LEU A 45 10.12 -2.11 21.59
N ALA A 46 9.54 -2.90 20.69
CA ALA A 46 8.27 -2.44 20.06
C ALA A 46 7.20 -2.27 21.12
N ASP A 47 7.18 -3.10 22.12
CA ASP A 47 6.20 -2.98 23.22
C ASP A 47 6.40 -1.70 24.01
N ARG A 48 7.63 -1.21 24.21
CA ARG A 48 7.82 0.01 24.98
C ARG A 48 7.43 1.16 24.07
N GLU A 49 7.80 1.12 22.80
CA GLU A 49 7.39 2.19 21.88
C GLU A 49 5.88 2.28 21.69
N LEU A 50 5.05 1.26 21.87
CA LEU A 50 3.63 1.54 21.62
C LEU A 50 2.98 2.46 22.59
N VAL A 51 3.50 2.43 23.82
CA VAL A 51 2.93 3.28 24.88
C VAL A 51 3.20 4.68 24.44
N HIS A 52 4.38 4.95 23.89
CA HIS A 52 4.70 6.31 23.42
C HIS A 52 3.85 6.68 22.19
N MET A 53 3.59 5.70 21.34
CA MET A 53 2.79 5.89 20.12
C MET A 53 1.37 6.26 20.50
N ILE A 54 0.86 5.66 21.59
CA ILE A 54 -0.50 6.04 21.96
C ILE A 54 -0.53 7.52 22.31
N ASN A 55 0.43 7.97 23.11
CA ASN A 55 0.42 9.41 23.41
C ASN A 55 0.92 10.25 22.27
N TRP A 56 1.53 9.78 21.17
CA TRP A 56 1.89 10.75 20.12
C TRP A 56 0.58 10.98 19.33
N ALA A 57 -0.16 9.90 19.17
CA ALA A 57 -1.41 9.90 18.40
C ALA A 57 -2.31 11.03 18.90
N LYS A 58 -2.64 10.98 20.18
CA LYS A 58 -3.50 11.96 20.84
C LYS A 58 -3.05 13.35 20.49
N ARG A 59 -1.79 13.68 20.30
CA ARG A 59 -1.40 15.03 19.92
C ARG A 59 -1.50 15.30 18.43
N VAL A 60 -1.73 14.31 17.58
CA VAL A 60 -1.88 14.57 16.14
C VAL A 60 -3.15 15.42 16.02
N PRO A 61 -3.10 16.58 15.41
CA PRO A 61 -4.23 17.46 15.26
C PRO A 61 -5.38 16.71 14.60
N GLY A 62 -6.52 16.66 15.28
CA GLY A 62 -7.75 16.07 14.91
C GLY A 62 -8.01 14.68 15.41
N PHE A 63 -7.00 13.94 15.85
CA PHE A 63 -7.24 12.55 16.26
C PHE A 63 -8.19 12.40 17.42
N VAL A 64 -8.07 13.26 18.42
CA VAL A 64 -8.92 13.16 19.61
C VAL A 64 -10.36 13.50 19.32
N ASP A 65 -10.69 14.13 18.19
CA ASP A 65 -12.07 14.44 17.86
C ASP A 65 -12.80 13.17 17.40
N LEU A 66 -12.16 12.03 17.23
CA LEU A 66 -12.82 10.82 16.80
C LEU A 66 -13.41 10.07 17.98
N THR A 67 -14.43 9.24 17.73
CA THR A 67 -15.00 8.50 18.85
C THR A 67 -13.88 7.61 19.37
N LEU A 68 -13.88 7.28 20.65
CA LEU A 68 -12.85 6.41 21.18
C LEU A 68 -12.66 5.22 20.25
N HIS A 69 -13.73 4.50 19.97
CA HIS A 69 -13.69 3.30 19.13
C HIS A 69 -13.06 3.55 17.78
N ASP A 70 -13.14 4.73 17.18
CA ASP A 70 -12.41 4.91 15.91
C ASP A 70 -10.94 5.12 16.24
N GLN A 71 -10.64 5.83 17.32
CA GLN A 71 -9.27 5.98 17.81
C GLN A 71 -8.61 4.62 17.95
N VAL A 72 -9.17 3.64 18.62
CA VAL A 72 -8.60 2.30 18.72
C VAL A 72 -8.42 1.59 17.37
N HIS A 73 -9.46 1.56 16.53
CA HIS A 73 -9.39 0.88 15.25
C HIS A 73 -8.23 1.47 14.43
N LEU A 74 -8.06 2.80 14.44
CA LEU A 74 -6.93 3.40 13.75
C LEU A 74 -5.58 2.95 14.31
N LEU A 75 -5.34 3.06 15.62
CA LEU A 75 -4.05 2.61 16.18
C LEU A 75 -3.92 1.10 15.92
N GLU A 76 -4.99 0.36 16.13
CA GLU A 76 -4.98 -1.06 15.88
C GLU A 76 -4.55 -1.45 14.47
N CYS A 77 -4.84 -0.71 13.41
CA CYS A 77 -4.35 -1.20 12.14
C CYS A 77 -3.07 -0.49 11.73
N ALA A 78 -2.67 0.60 12.37
CA ALA A 78 -1.48 1.26 11.88
C ALA A 78 -0.20 1.12 12.69
N TRP A 79 -0.32 0.55 13.87
CA TRP A 79 0.86 0.45 14.76
C TRP A 79 2.12 -0.08 14.09
N LEU A 80 2.08 -1.16 13.34
CA LEU A 80 3.32 -1.64 12.71
C LEU A 80 3.75 -0.80 11.53
N GLU A 81 2.97 -0.02 10.80
CA GLU A 81 3.45 0.87 9.75
C GLU A 81 4.09 2.09 10.44
N ILE A 82 3.50 2.57 11.55
CA ILE A 82 4.08 3.70 12.30
C ILE A 82 5.43 3.23 12.85
N LEU A 83 5.57 2.04 13.39
CA LEU A 83 6.88 1.59 13.90
C LEU A 83 7.84 1.47 12.75
N MET A 84 7.35 1.00 11.59
CA MET A 84 8.28 0.85 10.43
C MET A 84 8.76 2.18 9.90
N ILE A 85 7.85 3.15 9.72
CA ILE A 85 8.41 4.39 9.15
C ILE A 85 9.33 5.06 10.15
N GLY A 86 9.20 4.99 11.46
CA GLY A 86 10.11 5.64 12.43
C GLY A 86 11.46 4.94 12.24
N LEU A 87 11.43 3.60 12.15
CA LEU A 87 12.69 2.93 11.95
C LEU A 87 13.45 3.35 10.70
N VAL A 88 12.69 3.50 9.60
CA VAL A 88 13.33 3.84 8.33
C VAL A 88 13.95 5.19 8.45
N TRP A 89 13.21 6.08 9.07
CA TRP A 89 13.67 7.44 9.28
C TRP A 89 14.89 7.49 10.17
N ARG A 90 15.01 6.71 11.27
CA ARG A 90 16.26 6.90 12.02
C ARG A 90 17.40 6.13 11.40
N SER A 91 17.16 5.28 10.42
CA SER A 91 18.20 4.52 9.75
C SER A 91 18.73 5.22 8.51
N MET A 92 18.07 6.30 8.16
CA MET A 92 18.39 7.09 6.99
C MET A 92 19.85 7.40 6.77
N GLU A 93 20.55 7.86 7.81
CA GLU A 93 21.97 8.19 7.64
C GLU A 93 22.92 7.08 8.05
N HIS A 94 22.61 5.81 7.81
CA HIS A 94 23.43 4.65 8.11
C HIS A 94 23.20 3.60 7.03
N PRO A 95 23.58 3.89 5.80
CA PRO A 95 23.41 3.01 4.66
C PRO A 95 23.71 1.58 5.02
N GLY A 96 22.81 0.66 4.70
CA GLY A 96 23.02 -0.74 5.00
C GLY A 96 22.79 -1.19 6.41
N LYS A 97 22.24 -0.36 7.30
CA LYS A 97 22.01 -0.76 8.67
C LYS A 97 20.63 -0.32 9.13
N LEU A 98 20.02 -0.96 10.09
CA LEU A 98 18.70 -0.52 10.57
C LEU A 98 18.94 -0.09 12.01
N LEU A 99 18.69 1.15 12.36
CA LEU A 99 18.95 1.57 13.75
C LEU A 99 17.80 1.30 14.69
N PHE A 100 17.63 0.07 15.19
CA PHE A 100 16.51 -0.26 16.05
C PHE A 100 16.55 0.67 17.26
N ALA A 101 17.73 0.97 17.76
CA ALA A 101 17.90 1.94 18.87
C ALA A 101 19.31 2.48 18.75
N PRO A 102 19.75 3.47 19.47
CA PRO A 102 21.14 3.95 19.49
C PRO A 102 22.09 2.82 19.90
N ASN A 103 21.73 1.81 20.69
CA ASN A 103 22.61 0.72 21.04
C ASN A 103 22.26 -0.60 20.37
N LEU A 104 21.61 -0.53 19.18
CA LEU A 104 21.23 -1.74 18.43
C LEU A 104 21.12 -1.42 16.94
N LEU A 105 22.27 -1.43 16.30
CA LEU A 105 22.48 -1.13 14.91
C LEU A 105 22.71 -2.44 14.17
N LEU A 106 21.64 -2.96 13.59
CA LEU A 106 21.73 -4.25 12.91
C LEU A 106 21.89 -4.18 11.40
N ASP A 107 22.57 -5.17 10.83
CA ASP A 107 22.72 -5.17 9.38
C ASP A 107 22.01 -6.40 8.82
N ARG A 108 21.96 -6.34 7.49
CA ARG A 108 21.32 -7.40 6.72
C ARG A 108 21.68 -8.77 7.27
N ASN A 109 22.95 -9.08 7.46
CA ASN A 109 23.41 -10.38 7.94
C ASN A 109 22.94 -10.81 9.32
N GLN A 110 22.63 -9.85 10.19
CA GLN A 110 22.10 -10.23 11.52
C GLN A 110 20.66 -10.62 11.31
N GLY A 111 20.09 -10.10 10.21
CA GLY A 111 18.72 -10.41 9.84
C GLY A 111 18.60 -11.92 9.65
N LYS A 112 19.60 -12.58 9.09
CA LYS A 112 19.57 -14.03 8.90
C LYS A 112 19.49 -14.83 10.18
N CYS A 113 19.82 -14.27 11.35
CA CYS A 113 19.75 -14.99 12.61
C CYS A 113 18.32 -15.38 12.97
N VAL A 114 17.28 -14.83 12.36
CA VAL A 114 15.92 -15.19 12.66
C VAL A 114 15.28 -15.71 11.36
N GLU A 115 14.63 -16.85 11.42
CA GLU A 115 13.97 -17.41 10.23
C GLU A 115 13.00 -16.43 9.56
N GLY A 116 13.24 -16.25 8.26
CA GLY A 116 12.44 -15.40 7.43
C GLY A 116 12.37 -13.92 7.71
N MET A 117 13.36 -13.36 8.41
CA MET A 117 13.35 -11.94 8.72
C MET A 117 14.19 -11.19 7.71
N VAL A 118 15.20 -11.78 7.09
CA VAL A 118 16.02 -11.07 6.15
C VAL A 118 15.23 -10.37 5.06
N GLU A 119 14.18 -10.99 4.56
CA GLU A 119 13.40 -10.36 3.48
C GLU A 119 12.78 -9.07 4.00
N ILE A 120 12.33 -9.17 5.25
CA ILE A 120 11.75 -8.00 5.90
C ILE A 120 12.82 -6.94 6.06
N PHE A 121 14.02 -7.21 6.53
CA PHE A 121 15.09 -6.24 6.61
C PHE A 121 15.41 -5.59 5.27
N ASP A 122 15.54 -6.40 4.23
CA ASP A 122 15.88 -6.00 2.87
C ASP A 122 14.90 -4.94 2.41
N MET A 123 13.59 -5.14 2.65
CA MET A 123 12.68 -4.05 2.28
C MET A 123 12.82 -2.82 3.16
N LEU A 124 13.10 -2.97 4.47
CA LEU A 124 13.23 -1.74 5.29
C LEU A 124 14.43 -0.94 4.83
N LEU A 125 15.52 -1.67 4.52
CA LEU A 125 16.72 -1.00 4.00
C LEU A 125 16.48 -0.32 2.64
N ALA A 126 15.69 -0.93 1.77
CA ALA A 126 15.43 -0.31 0.45
C ALA A 126 14.60 0.95 0.63
N THR A 127 13.59 0.91 1.49
CA THR A 127 12.84 2.17 1.79
C THR A 127 13.81 3.16 2.48
N SER A 128 14.68 2.63 3.37
CA SER A 128 15.59 3.63 3.95
C SER A 128 16.40 4.35 2.90
N SER A 129 16.98 3.68 1.93
CA SER A 129 17.73 4.31 0.85
C SER A 129 16.82 5.19 -0.01
N ARG A 130 15.59 4.64 -0.24
CA ARG A 130 14.71 5.46 -1.08
C ARG A 130 14.60 6.81 -0.41
N PHE A 131 14.31 6.89 0.87
CA PHE A 131 14.23 8.19 1.56
C PHE A 131 15.52 8.99 1.57
N ARG A 132 16.67 8.37 1.47
CA ARG A 132 17.95 9.02 1.43
C ARG A 132 18.17 9.67 0.06
N MET A 133 17.85 8.91 -0.97
CA MET A 133 17.95 9.37 -2.34
C MET A 133 17.05 10.58 -2.58
N MET A 134 15.87 10.68 -2.01
CA MET A 134 14.96 11.80 -2.17
C MET A 134 15.25 12.89 -1.16
N ASN A 135 16.12 12.56 -0.20
CA ASN A 135 16.44 13.55 0.85
C ASN A 135 15.24 13.95 1.67
N LEU A 136 14.43 13.01 2.14
CA LEU A 136 13.28 13.31 2.99
C LEU A 136 13.66 14.25 4.12
N GLN A 137 12.77 15.17 4.43
CA GLN A 137 12.94 16.14 5.49
C GLN A 137 12.06 15.76 6.68
N GLY A 138 12.55 16.20 7.84
CA GLY A 138 11.88 15.96 9.12
C GLY A 138 10.46 16.48 9.20
N GLU A 139 10.17 17.53 8.47
CA GLU A 139 8.85 18.15 8.44
C GLU A 139 7.90 17.27 7.63
N GLU A 140 8.36 16.75 6.51
CA GLU A 140 7.69 15.86 5.60
C GLU A 140 7.43 14.55 6.32
N PHE A 141 8.51 14.04 6.94
CA PHE A 141 8.43 12.80 7.71
C PHE A 141 7.29 12.84 8.71
N VAL A 142 7.22 13.88 9.51
CA VAL A 142 6.11 14.01 10.48
C VAL A 142 4.75 14.05 9.83
N CYS A 143 4.62 14.55 8.59
CA CYS A 143 3.32 14.61 7.91
C CYS A 143 2.90 13.23 7.38
N LEU A 144 3.91 12.52 6.87
CA LEU A 144 3.68 11.17 6.41
C LEU A 144 3.21 10.24 7.52
N LYS A 145 3.86 10.32 8.68
CA LYS A 145 3.47 9.48 9.81
C LYS A 145 2.03 9.72 10.23
N SER A 146 1.53 10.94 10.15
CA SER A 146 0.13 11.26 10.47
C SER A 146 -0.81 10.75 9.37
N ILE A 147 -0.44 10.84 8.09
CA ILE A 147 -1.30 10.31 7.03
C ILE A 147 -1.39 8.82 7.30
N ILE A 148 -0.22 8.19 7.60
CA ILE A 148 -0.31 6.74 7.87
C ILE A 148 -1.28 6.47 8.99
N LEU A 149 -1.29 7.16 10.14
CA LEU A 149 -2.27 6.74 11.12
C LEU A 149 -3.70 7.03 10.68
N LEU A 150 -3.96 8.12 9.99
CA LEU A 150 -5.33 8.40 9.57
C LEU A 150 -5.74 7.51 8.38
N ASN A 151 -4.86 6.89 7.60
CA ASN A 151 -5.32 6.10 6.46
C ASN A 151 -5.21 4.61 6.65
N SER A 152 -5.21 4.17 7.90
CA SER A 152 -4.99 2.74 8.12
C SER A 152 -6.26 1.95 8.03
N GLY A 153 -7.29 2.55 8.63
CA GLY A 153 -8.54 1.82 8.74
C GLY A 153 -9.78 2.63 8.52
N VAL A 154 -9.67 3.65 7.66
CA VAL A 154 -10.87 4.42 7.34
C VAL A 154 -11.77 3.50 6.49
N TYR A 155 -11.22 2.61 5.64
CA TYR A 155 -12.01 1.64 4.90
C TYR A 155 -12.06 0.34 5.71
N THR A 156 -12.70 0.43 6.86
CA THR A 156 -12.85 -0.64 7.82
C THR A 156 -13.50 -0.17 9.13
N PHE A 157 -14.26 0.92 9.13
CA PHE A 157 -14.88 1.40 10.36
C PHE A 157 -16.21 0.74 10.69
N THR A 161 -24.00 3.27 10.79
CA THR A 161 -23.30 3.73 9.61
C THR A 161 -23.38 5.25 9.43
N LEU A 162 -24.28 5.91 10.16
CA LEU A 162 -24.43 7.36 10.04
C LEU A 162 -23.33 8.13 10.78
N LYS A 163 -22.81 7.57 11.88
CA LYS A 163 -21.75 8.24 12.62
C LYS A 163 -20.40 7.87 12.02
N SER A 164 -20.37 6.77 11.28
CA SER A 164 -19.15 6.31 10.61
C SER A 164 -18.91 7.09 9.33
N LEU A 165 -19.97 7.58 8.69
CA LEU A 165 -19.82 8.36 7.47
C LEU A 165 -19.40 9.77 7.90
N GLU A 166 -19.88 10.17 9.08
CA GLU A 166 -19.57 11.45 9.70
C GLU A 166 -18.12 11.46 10.17
N GLU A 167 -17.66 10.32 10.68
CA GLU A 167 -16.27 10.19 11.15
C GLU A 167 -15.34 10.02 9.94
N LYS A 168 -15.86 9.44 8.86
CA LYS A 168 -15.05 9.29 7.64
C LYS A 168 -14.76 10.68 7.09
N ASP A 169 -15.76 11.53 6.97
CA ASP A 169 -15.56 12.88 6.44
C ASP A 169 -14.60 13.73 7.24
N HIS A 170 -14.66 13.66 8.57
CA HIS A 170 -13.76 14.40 9.44
C HIS A 170 -12.33 13.92 9.21
N ILE A 171 -12.17 12.61 9.12
CA ILE A 171 -10.89 11.99 8.81
C ILE A 171 -10.38 12.46 7.46
N HIS A 172 -11.21 12.50 6.44
CA HIS A 172 -10.77 12.97 5.13
C HIS A 172 -10.46 14.45 5.13
N ARG A 173 -11.08 15.23 6.01
CA ARG A 173 -10.77 16.65 6.15
C ARG A 173 -9.40 16.81 6.79
N VAL A 174 -8.95 15.97 7.71
CA VAL A 174 -7.62 16.13 8.29
C VAL A 174 -6.56 15.81 7.24
N LEU A 175 -6.81 14.74 6.50
CA LEU A 175 -5.97 14.30 5.40
C LEU A 175 -5.76 15.42 4.39
N ASP A 176 -6.84 16.13 4.07
CA ASP A 176 -6.71 17.26 3.14
C ASP A 176 -5.79 18.31 3.73
N LYS A 177 -6.00 18.72 4.97
CA LYS A 177 -5.11 19.71 5.60
C LYS A 177 -3.67 19.20 5.63
N ILE A 178 -3.45 17.93 6.00
CA ILE A 178 -2.07 17.44 5.94
C ILE A 178 -1.57 17.55 4.51
N THR A 179 -2.37 17.29 3.48
CA THR A 179 -1.92 17.41 2.10
C THR A 179 -1.60 18.89 1.83
N ASP A 180 -2.40 19.81 2.33
CA ASP A 180 -2.00 21.22 2.14
C ASP A 180 -0.65 21.52 2.80
N THR A 181 -0.47 21.03 4.03
CA THR A 181 0.80 21.29 4.71
C THR A 181 2.00 20.84 3.92
N LEU A 182 1.92 19.59 3.43
CA LEU A 182 3.09 19.05 2.71
C LEU A 182 3.37 19.86 1.47
N ILE A 183 2.29 20.25 0.76
CA ILE A 183 2.45 21.07 -0.44
C ILE A 183 3.10 22.39 0.00
N HIS A 184 2.66 22.94 1.13
CA HIS A 184 3.29 24.21 1.58
C HIS A 184 4.76 23.98 1.89
N LEU A 185 5.19 22.96 2.61
CA LEU A 185 6.60 22.75 2.86
C LEU A 185 7.38 22.75 1.57
N MET A 186 6.97 22.06 0.52
CA MET A 186 7.74 22.02 -0.72
C MET A 186 7.77 23.35 -1.45
N ALA A 187 6.70 24.13 -1.31
CA ALA A 187 6.68 25.45 -1.97
C ALA A 187 7.71 26.32 -1.26
N LYS A 188 7.66 26.35 0.11
CA LYS A 188 8.64 27.11 0.84
C LYS A 188 10.06 26.67 0.53
N ALA A 189 10.42 25.44 0.19
CA ALA A 189 11.81 25.16 -0.20
C ALA A 189 12.05 25.48 -1.66
N GLY A 190 11.12 26.16 -2.33
CA GLY A 190 11.33 26.47 -3.73
C GLY A 190 11.19 25.30 -4.68
N LEU A 191 10.18 24.44 -4.51
CA LEU A 191 10.04 23.46 -5.59
C LEU A 191 9.12 24.20 -6.60
N THR A 192 9.38 23.85 -7.83
CA THR A 192 8.53 24.38 -8.92
C THR A 192 7.14 23.80 -8.79
N LEU A 193 6.05 24.41 -9.17
CA LEU A 193 4.70 23.82 -9.04
C LEU A 193 4.69 22.37 -9.52
N GLN A 194 5.19 22.12 -10.73
CA GLN A 194 5.29 20.78 -11.25
C GLN A 194 6.01 19.86 -10.27
N GLN A 195 7.20 20.28 -9.84
CA GLN A 195 8.01 19.55 -8.89
C GLN A 195 7.27 19.21 -7.58
N GLN A 196 6.41 20.05 -7.06
CA GLN A 196 5.68 19.75 -5.84
C GLN A 196 4.77 18.56 -6.03
N HIS A 197 3.95 18.52 -7.12
CA HIS A 197 3.10 17.32 -7.18
C HIS A 197 3.89 16.07 -7.58
N GLN A 198 5.07 16.20 -8.15
CA GLN A 198 5.86 15.02 -8.46
C GLN A 198 6.42 14.40 -7.18
N ARG A 199 6.76 15.21 -6.21
CA ARG A 199 7.31 14.83 -4.88
C ARG A 199 6.15 14.37 -4.00
N LEU A 200 5.00 15.05 -3.96
CA LEU A 200 3.87 14.55 -3.16
C LEU A 200 3.56 13.09 -3.50
N ALA A 201 3.27 12.82 -4.77
CA ALA A 201 3.01 11.52 -5.30
C ALA A 201 4.16 10.58 -5.02
N GLN A 202 5.43 10.97 -5.07
CA GLN A 202 6.50 10.00 -4.76
C GLN A 202 6.50 9.63 -3.26
N LEU A 203 6.14 10.59 -2.42
CA LEU A 203 6.08 10.30 -1.00
C LEU A 203 4.91 9.36 -0.76
N LEU A 204 3.78 9.68 -1.37
CA LEU A 204 2.58 8.87 -1.22
C LEU A 204 2.78 7.52 -1.87
N LEU A 205 3.55 7.31 -2.94
CA LEU A 205 3.72 5.89 -3.34
C LEU A 205 4.60 5.11 -2.36
N ILE A 206 5.45 5.69 -1.51
CA ILE A 206 6.26 4.91 -0.56
C ILE A 206 5.37 4.33 0.55
N LEU A 207 4.24 4.96 0.84
CA LEU A 207 3.27 4.48 1.82
C LEU A 207 2.76 3.12 1.39
N SER A 208 2.58 2.96 0.09
CA SER A 208 2.20 1.68 -0.42
C SER A 208 3.06 0.52 0.01
N HIS A 209 4.37 0.70 -0.04
CA HIS A 209 5.45 -0.20 0.27
C HIS A 209 5.53 -0.45 1.78
N ILE A 210 5.16 0.66 2.45
CA ILE A 210 5.11 0.61 3.90
C ILE A 210 3.95 -0.30 4.26
N ARG A 211 2.79 -0.14 3.62
CA ARG A 211 1.66 -1.03 3.93
C ARG A 211 2.00 -2.48 3.72
N HIS A 212 2.73 -2.79 2.66
CA HIS A 212 3.24 -4.08 2.31
C HIS A 212 4.26 -4.63 3.29
N MET A 213 5.20 -3.81 3.78
CA MET A 213 6.16 -4.28 4.79
C MET A 213 5.38 -4.61 6.05
N SER A 214 4.38 -3.82 6.35
CA SER A 214 3.53 -4.09 7.49
C SER A 214 2.79 -5.42 7.49
N ASN A 215 2.11 -5.76 6.41
CA ASN A 215 1.38 -7.03 6.27
C ASN A 215 2.33 -8.21 6.40
N LYS A 216 3.51 -8.10 5.81
CA LYS A 216 4.52 -9.13 5.91
C LYS A 216 5.05 -9.15 7.34
N GLY A 217 5.05 -7.96 7.97
CA GLY A 217 5.59 -7.92 9.33
C GLY A 217 4.62 -8.63 10.26
N MET A 218 3.31 -8.42 10.07
CA MET A 218 2.38 -9.08 10.97
C MET A 218 2.50 -10.61 10.85
N GLU A 219 2.62 -11.05 9.57
CA GLU A 219 2.70 -12.50 9.35
C GLU A 219 3.88 -13.12 10.10
N HIS A 220 5.05 -12.49 9.92
CA HIS A 220 6.23 -12.99 10.60
C HIS A 220 6.04 -12.99 12.12
N LEU A 221 5.59 -11.89 12.70
CA LEU A 221 5.38 -11.77 14.11
C LEU A 221 4.51 -12.91 14.64
N TYR A 222 3.35 -13.07 14.02
CA TYR A 222 2.38 -14.09 14.37
C TYR A 222 3.01 -15.45 14.11
N SER A 223 3.90 -15.64 13.16
CA SER A 223 4.52 -16.94 13.00
C SER A 223 5.35 -17.18 14.26
N MET A 224 6.37 -16.38 14.50
CA MET A 224 7.22 -16.41 15.68
C MET A 224 6.40 -16.59 16.96
N LYS A 225 5.24 -15.96 17.08
CA LYS A 225 4.46 -16.13 18.30
C LYS A 225 3.88 -17.54 18.37
N CYS A 226 3.44 -18.06 17.21
CA CYS A 226 2.84 -19.39 17.23
C CYS A 226 3.89 -20.47 17.30
N LYS A 227 5.18 -20.16 17.22
CA LYS A 227 6.22 -21.17 17.40
C LYS A 227 6.82 -21.06 18.79
N ASN A 228 6.19 -20.27 19.67
CA ASN A 228 6.70 -20.09 21.03
C ASN A 228 8.17 -19.68 21.04
N VAL A 229 8.58 -18.82 20.09
CA VAL A 229 9.91 -18.32 19.93
C VAL A 229 10.15 -17.14 20.86
N VAL A 230 9.08 -16.44 21.19
CA VAL A 230 9.08 -15.26 22.00
C VAL A 230 7.73 -15.12 22.71
N PRO A 231 7.81 -14.80 23.96
CA PRO A 231 6.65 -14.58 24.81
C PRO A 231 6.07 -13.27 24.30
N LEU A 232 4.79 -12.96 24.41
CA LEU A 232 4.47 -11.63 23.88
C LEU A 232 3.72 -10.76 24.88
N TYR A 233 4.33 -9.58 25.00
CA TYR A 233 3.92 -8.49 25.83
C TYR A 233 2.45 -8.12 25.66
N ASP A 234 1.83 -7.87 26.77
CA ASP A 234 0.48 -7.48 27.08
C ASP A 234 -0.10 -6.53 26.04
N LEU A 235 0.46 -5.33 25.86
CA LEU A 235 -0.01 -4.38 24.89
C LEU A 235 0.31 -4.85 23.47
N LEU A 236 1.49 -5.45 23.31
CA LEU A 236 1.85 -5.95 21.98
C LEU A 236 0.96 -7.11 21.57
N LEU A 237 0.60 -8.01 22.46
CA LEU A 237 -0.28 -9.14 22.13
C LEU A 237 -1.66 -8.57 21.75
N GLU A 238 -2.18 -7.73 22.63
CA GLU A 238 -3.47 -7.09 22.38
C GLU A 238 -3.52 -6.61 20.92
N MET A 239 -2.63 -5.74 20.48
CA MET A 239 -2.55 -5.23 19.14
C MET A 239 -2.32 -6.32 18.10
N LEU A 240 -1.58 -7.38 18.39
CA LEU A 240 -1.36 -8.46 17.43
C LEU A 240 -2.70 -9.12 17.10
N ASP A 241 -3.50 -9.32 18.14
CA ASP A 241 -4.80 -9.94 18.05
C ASP A 241 -5.86 -9.12 17.33
N ALA A 242 -5.71 -7.81 17.26
CA ALA A 242 -6.67 -6.98 16.54
C ALA A 242 -6.66 -7.27 15.04
N HIS A 243 -5.50 -7.70 14.51
CA HIS A 243 -5.46 -7.99 13.09
C HIS A 243 -6.14 -9.31 12.82
N ARG A 244 -5.63 -10.45 13.29
CA ARG A 244 -6.36 -11.69 13.00
C ARG A 244 -7.84 -11.48 13.37
N LEU A 245 -8.13 -11.22 14.64
CA LEU A 245 -9.51 -11.00 15.07
C LEU A 245 -10.03 -9.72 14.42
N SER B 1 14.55 7.64 -24.40
CA SER B 1 13.20 7.01 -24.37
C SER B 1 12.10 7.95 -24.83
N LEU B 2 11.50 7.57 -25.95
CA LEU B 2 10.43 8.27 -26.64
C LEU B 2 9.25 8.65 -25.77
N ALA B 3 8.87 7.74 -24.88
CA ALA B 3 7.78 7.87 -23.92
C ALA B 3 7.83 9.13 -23.09
N LEU B 4 9.01 9.55 -22.65
CA LEU B 4 9.23 10.77 -21.91
C LEU B 4 8.88 12.03 -22.69
N SER B 5 8.74 11.94 -24.01
CA SER B 5 8.41 13.06 -24.85
C SER B 5 6.93 13.19 -25.13
N LEU B 6 6.09 12.43 -24.48
CA LEU B 6 4.65 12.52 -24.73
C LEU B 6 3.99 13.66 -23.95
N THR B 7 2.97 14.27 -24.54
CA THR B 7 2.25 15.35 -23.86
C THR B 7 1.24 14.68 -22.93
N ALA B 8 0.60 15.45 -22.06
CA ALA B 8 -0.43 14.93 -21.18
C ALA B 8 -1.58 14.32 -21.99
N ASP B 9 -1.99 14.85 -23.13
CA ASP B 9 -3.07 14.31 -23.93
C ASP B 9 -2.71 13.08 -24.75
N GLN B 10 -1.47 12.99 -25.19
CA GLN B 10 -1.01 11.82 -25.94
C GLN B 10 -0.85 10.63 -25.01
N MET B 11 -0.43 10.82 -23.76
CA MET B 11 -0.25 9.78 -22.77
C MET B 11 -1.58 9.18 -22.35
N VAL B 12 -2.56 10.07 -22.25
CA VAL B 12 -3.91 9.60 -21.93
C VAL B 12 -4.45 8.82 -23.12
N SER B 13 -4.36 9.37 -24.35
CA SER B 13 -4.85 8.68 -25.53
C SER B 13 -4.15 7.33 -25.70
N ALA B 14 -2.86 7.29 -25.40
CA ALA B 14 -2.07 6.07 -25.57
C ALA B 14 -2.57 4.97 -24.64
N LEU B 15 -2.84 5.39 -23.41
CA LEU B 15 -3.36 4.52 -22.36
C LEU B 15 -4.78 4.08 -22.65
N LEU B 16 -5.69 4.94 -23.08
CA LEU B 16 -7.04 4.48 -23.34
C LEU B 16 -7.06 3.41 -24.44
N ASP B 17 -6.25 3.52 -25.48
CA ASP B 17 -6.19 2.54 -26.56
C ASP B 17 -5.73 1.15 -26.17
N ALA B 18 -4.74 1.10 -25.26
CA ALA B 18 -4.20 -0.13 -24.74
C ALA B 18 -5.13 -0.84 -23.80
N GLU B 19 -6.23 -0.28 -23.35
CA GLU B 19 -7.08 -1.02 -22.41
C GLU B 19 -7.36 -2.40 -22.93
N PRO B 20 -7.32 -3.42 -22.09
CA PRO B 20 -7.63 -4.79 -22.45
C PRO B 20 -9.16 -4.88 -22.57
N PRO B 21 -9.69 -5.92 -23.17
CA PRO B 21 -11.08 -6.21 -23.30
C PRO B 21 -11.80 -6.81 -22.09
N ILE B 22 -13.15 -6.74 -22.02
CA ILE B 22 -13.79 -7.35 -20.86
C ILE B 22 -14.12 -8.80 -21.14
N LEU B 23 -13.57 -9.81 -20.43
CA LEU B 23 -13.94 -11.18 -20.79
C LEU B 23 -15.22 -11.74 -20.22
N TYR B 24 -15.56 -12.96 -20.67
CA TYR B 24 -16.77 -13.61 -20.17
C TYR B 24 -16.36 -14.83 -19.38
N SER B 25 -17.25 -15.29 -18.53
CA SER B 25 -17.01 -16.49 -17.74
C SER B 25 -17.87 -17.60 -18.33
N GLU B 26 -17.77 -18.86 -17.98
CA GLU B 26 -18.52 -19.97 -18.45
C GLU B 26 -19.95 -19.65 -18.88
N TYR B 27 -20.40 -20.29 -19.97
CA TYR B 27 -21.75 -20.08 -20.50
C TYR B 27 -22.85 -20.14 -19.45
N ASP B 28 -23.00 -21.22 -18.71
CA ASP B 28 -24.01 -21.39 -17.67
C ASP B 28 -23.43 -22.17 -16.48
N PRO B 29 -24.07 -22.09 -15.33
CA PRO B 29 -23.66 -22.76 -14.11
C PRO B 29 -23.88 -24.27 -14.16
N PRO B 32 -26.34 -22.95 -8.39
CA PRO B 32 -25.68 -22.67 -7.12
C PRO B 32 -24.23 -23.10 -7.13
N PHE B 33 -23.34 -22.17 -6.79
CA PHE B 33 -21.91 -22.37 -6.75
C PHE B 33 -21.40 -23.18 -5.56
N SER B 34 -20.36 -23.97 -5.79
CA SER B 34 -19.78 -24.77 -4.71
C SER B 34 -18.42 -24.13 -4.41
N GLU B 35 -17.75 -24.46 -3.32
CA GLU B 35 -16.44 -23.85 -3.07
C GLU B 35 -15.56 -24.13 -4.29
N ALA B 36 -15.58 -25.33 -4.79
CA ALA B 36 -14.78 -25.72 -5.93
C ALA B 36 -15.23 -25.11 -7.25
N SER B 37 -16.52 -25.00 -7.51
CA SER B 37 -16.91 -24.44 -8.82
C SER B 37 -16.66 -22.94 -8.90
N MET B 38 -16.94 -22.22 -7.81
CA MET B 38 -16.64 -20.79 -7.81
C MET B 38 -15.14 -20.58 -7.94
N MET B 39 -14.29 -21.24 -7.18
CA MET B 39 -12.85 -21.02 -7.40
C MET B 39 -12.45 -21.37 -8.82
N GLY B 40 -13.15 -22.28 -9.48
CA GLY B 40 -12.88 -22.72 -10.83
C GLY B 40 -13.23 -21.56 -11.77
N LEU B 41 -14.41 -20.97 -11.59
CA LEU B 41 -14.74 -19.84 -12.46
C LEU B 41 -13.78 -18.68 -12.26
N LEU B 42 -13.52 -18.17 -11.07
CA LEU B 42 -12.63 -17.01 -10.90
C LEU B 42 -11.21 -17.20 -11.41
N THR B 43 -10.67 -18.35 -11.15
CA THR B 43 -9.31 -18.77 -11.58
C THR B 43 -9.32 -19.02 -13.06
N ASN B 44 -10.32 -19.62 -13.73
CA ASN B 44 -10.29 -19.74 -15.21
C ASN B 44 -10.34 -18.32 -15.79
N LEU B 45 -11.12 -17.45 -15.15
CA LEU B 45 -11.16 -16.06 -15.57
C LEU B 45 -9.83 -15.32 -15.44
N ALA B 46 -9.27 -15.27 -14.25
CA ALA B 46 -8.01 -14.53 -14.00
C ALA B 46 -6.97 -15.01 -14.99
N ASP B 47 -6.94 -16.31 -15.18
CA ASP B 47 -5.97 -16.90 -16.12
C ASP B 47 -6.14 -16.42 -17.55
N ARG B 48 -7.37 -16.17 -18.01
CA ARG B 48 -7.45 -15.72 -19.39
C ARG B 48 -7.03 -14.25 -19.37
N GLU B 49 -7.50 -13.54 -18.33
CA GLU B 49 -7.15 -12.13 -18.25
C GLU B 49 -5.65 -11.87 -18.21
N LEU B 50 -4.81 -12.63 -17.54
CA LEU B 50 -3.37 -12.28 -17.52
C LEU B 50 -2.70 -12.14 -18.88
N VAL B 51 -3.11 -12.89 -19.91
CA VAL B 51 -2.46 -12.75 -21.25
C VAL B 51 -2.77 -11.38 -21.79
N HIS B 52 -4.07 -11.02 -21.65
CA HIS B 52 -4.53 -9.69 -22.05
C HIS B 52 -3.72 -8.66 -21.28
N MET B 53 -3.52 -8.87 -20.00
CA MET B 53 -2.78 -7.91 -19.19
C MET B 53 -1.35 -7.83 -19.69
N ILE B 54 -0.66 -8.92 -20.04
CA ILE B 54 0.68 -8.72 -20.58
C ILE B 54 0.61 -7.86 -21.84
N ASN B 55 -0.26 -8.15 -22.81
CA ASN B 55 -0.29 -7.27 -24.00
C ASN B 55 -0.69 -5.86 -23.61
N TRP B 56 -1.43 -5.62 -22.53
CA TRP B 56 -1.73 -4.22 -22.19
C TRP B 56 -0.45 -3.58 -21.64
N ALA B 57 0.30 -4.30 -20.85
CA ALA B 57 1.54 -3.77 -20.24
C ALA B 57 2.53 -3.35 -21.30
N LYS B 58 2.70 -4.08 -22.44
CA LYS B 58 3.62 -3.60 -23.45
C LYS B 58 3.12 -2.32 -24.14
N ARG B 59 1.91 -1.81 -23.98
CA ARG B 59 1.47 -0.60 -24.64
C ARG B 59 1.59 0.63 -23.73
N VAL B 60 1.89 0.39 -22.47
CA VAL B 60 2.09 1.46 -21.51
C VAL B 60 3.36 2.17 -21.92
N PRO B 61 3.28 3.46 -22.15
CA PRO B 61 4.44 4.23 -22.55
C PRO B 61 5.56 4.09 -21.53
N GLY B 62 6.72 3.67 -22.03
CA GLY B 62 7.96 3.44 -21.36
C GLY B 62 8.29 2.09 -20.82
N PHE B 63 7.28 1.21 -20.73
CA PHE B 63 7.46 -0.15 -20.20
C PHE B 63 8.37 -0.97 -21.07
N VAL B 64 8.20 -0.90 -22.39
CA VAL B 64 9.01 -1.67 -23.34
C VAL B 64 10.44 -1.22 -23.37
N ASP B 65 10.81 -0.02 -22.90
CA ASP B 65 12.22 0.35 -22.85
C ASP B 65 12.95 -0.29 -21.66
N LEU B 66 12.33 -1.05 -20.76
CA LEU B 66 13.05 -1.64 -19.66
C LEU B 66 13.57 -2.99 -20.13
N THR B 67 14.61 -3.51 -19.48
CA THR B 67 15.11 -4.84 -19.85
C THR B 67 13.97 -5.82 -19.60
N LEU B 68 13.99 -6.92 -20.33
CA LEU B 68 13.01 -7.99 -20.19
C LEU B 68 12.96 -8.41 -18.73
N HIS B 69 14.11 -8.56 -18.08
CA HIS B 69 14.14 -8.96 -16.67
C HIS B 69 13.27 -8.10 -15.75
N ASP B 70 13.27 -6.80 -15.92
CA ASP B 70 12.48 -5.88 -15.11
C ASP B 70 11.04 -5.86 -15.56
N GLN B 71 10.79 -6.17 -16.83
CA GLN B 71 9.45 -6.26 -17.36
C GLN B 71 8.75 -7.35 -16.58
N VAL B 72 9.36 -8.50 -16.45
CA VAL B 72 8.91 -9.67 -15.72
C VAL B 72 8.74 -9.44 -14.22
N HIS B 73 9.68 -8.77 -13.58
CA HIS B 73 9.63 -8.53 -12.14
C HIS B 73 8.40 -7.66 -11.90
N LEU B 74 8.25 -6.61 -12.67
CA LEU B 74 7.11 -5.72 -12.64
C LEU B 74 5.81 -6.48 -12.85
N LEU B 75 5.64 -7.29 -13.89
CA LEU B 75 4.34 -8.00 -13.99
C LEU B 75 4.12 -8.88 -12.77
N GLU B 76 5.10 -9.72 -12.45
CA GLU B 76 5.01 -10.63 -11.32
C GLU B 76 4.63 -9.94 -10.02
N CYS B 77 5.07 -8.72 -9.67
CA CYS B 77 4.60 -8.25 -8.36
C CYS B 77 3.31 -7.47 -8.44
N ALA B 78 2.79 -7.02 -9.58
CA ALA B 78 1.54 -6.31 -9.52
C ALA B 78 0.36 -7.05 -10.12
N TRP B 79 0.55 -8.23 -10.68
CA TRP B 79 -0.56 -8.78 -11.44
C TRP B 79 -1.85 -8.84 -10.65
N LEU B 80 -1.82 -9.16 -9.34
CA LEU B 80 -3.10 -9.24 -8.64
C LEU B 80 -3.63 -7.90 -8.17
N GLU B 81 -2.84 -6.85 -8.19
CA GLU B 81 -3.33 -5.50 -7.90
C GLU B 81 -4.02 -4.98 -9.17
N ILE B 82 -3.46 -5.32 -10.32
CA ILE B 82 -4.02 -4.90 -11.61
C ILE B 82 -5.35 -5.57 -11.81
N LEU B 83 -5.47 -6.87 -11.52
CA LEU B 83 -6.78 -7.48 -11.62
C LEU B 83 -7.81 -6.80 -10.73
N MET B 84 -7.43 -6.54 -9.48
CA MET B 84 -8.35 -5.97 -8.50
C MET B 84 -8.76 -4.59 -8.89
N ILE B 85 -7.83 -3.79 -9.42
CA ILE B 85 -8.25 -2.42 -9.76
C ILE B 85 -9.31 -2.49 -10.87
N GLY B 86 -9.12 -3.30 -11.91
CA GLY B 86 -10.02 -3.57 -12.98
C GLY B 86 -11.35 -4.03 -12.45
N LEU B 87 -11.39 -4.99 -11.54
CA LEU B 87 -12.62 -5.46 -10.93
C LEU B 87 -13.47 -4.40 -10.23
N VAL B 88 -12.81 -3.56 -9.48
CA VAL B 88 -13.39 -2.45 -8.72
C VAL B 88 -13.94 -1.42 -9.68
N TRP B 89 -13.23 -1.22 -10.76
CA TRP B 89 -13.62 -0.26 -11.79
C TRP B 89 -14.91 -0.75 -12.44
N ARG B 90 -14.95 -2.01 -12.87
CA ARG B 90 -16.16 -2.49 -13.52
C ARG B 90 -17.32 -2.59 -12.55
N SER B 91 -17.06 -2.77 -11.27
CA SER B 91 -18.13 -2.88 -10.29
C SER B 91 -18.66 -1.54 -9.82
N MET B 92 -17.99 -0.49 -10.25
CA MET B 92 -18.34 0.85 -9.80
C MET B 92 -19.79 1.19 -9.92
N GLU B 93 -20.52 0.87 -10.97
CA GLU B 93 -21.93 1.27 -11.02
C GLU B 93 -22.84 0.15 -10.58
N HIS B 94 -22.45 -0.67 -9.61
CA HIS B 94 -23.24 -1.79 -9.11
C HIS B 94 -23.04 -2.00 -7.62
N PRO B 95 -23.42 -1.01 -6.83
CA PRO B 95 -23.32 -1.03 -5.37
C PRO B 95 -23.67 -2.40 -4.83
N GLY B 96 -22.78 -2.92 -3.98
CA GLY B 96 -22.96 -4.22 -3.37
C GLY B 96 -22.63 -5.39 -4.27
N LYS B 97 -22.11 -5.19 -5.48
CA LYS B 97 -21.82 -6.33 -6.32
C LYS B 97 -20.42 -6.25 -6.92
N LEU B 98 -19.75 -7.37 -7.15
CA LEU B 98 -18.47 -7.35 -7.85
C LEU B 98 -18.69 -7.96 -9.24
N LEU B 99 -18.53 -7.14 -10.27
CA LEU B 99 -18.75 -7.56 -11.66
C LEU B 99 -17.49 -8.25 -12.16
N PHE B 100 -17.40 -9.56 -11.95
CA PHE B 100 -16.21 -10.30 -12.36
C PHE B 100 -16.29 -10.46 -13.88
N ALA B 101 -17.54 -10.54 -14.35
CA ALA B 101 -17.78 -10.66 -15.78
C ALA B 101 -19.18 -10.17 -15.98
N PRO B 102 -19.57 -9.85 -17.19
CA PRO B 102 -20.93 -9.38 -17.50
C PRO B 102 -21.88 -10.49 -17.12
N ASN B 103 -21.50 -11.74 -17.20
CA ASN B 103 -22.33 -12.87 -16.84
C ASN B 103 -21.96 -13.45 -15.50
N LEU B 104 -21.22 -12.72 -14.66
CA LEU B 104 -20.83 -13.23 -13.35
C LEU B 104 -20.76 -12.11 -12.34
N LEU B 105 -21.87 -11.75 -11.78
CA LEU B 105 -22.14 -10.64 -10.89
C LEU B 105 -22.42 -11.28 -9.53
N LEU B 106 -21.43 -11.20 -8.65
CA LEU B 106 -21.54 -11.78 -7.33
C LEU B 106 -21.73 -10.70 -6.29
N ASP B 107 -22.47 -11.12 -5.26
CA ASP B 107 -22.70 -10.21 -4.16
C ASP B 107 -22.05 -10.80 -2.91
N ARG B 108 -22.05 -9.99 -1.87
CA ARG B 108 -21.43 -10.37 -0.61
C ARG B 108 -21.70 -11.77 -0.14
N ASN B 109 -22.93 -12.23 -0.13
CA ASN B 109 -23.29 -13.56 0.35
C ASN B 109 -22.76 -14.68 -0.51
N GLN B 110 -22.51 -14.50 -1.81
CA GLN B 110 -21.96 -15.58 -2.65
C GLN B 110 -20.46 -15.72 -2.36
N GLY B 111 -19.89 -14.67 -1.76
CA GLY B 111 -18.51 -14.71 -1.30
C GLY B 111 -18.37 -15.71 -0.16
N LYS B 112 -19.38 -15.94 0.67
CA LYS B 112 -19.31 -16.90 1.76
C LYS B 112 -19.31 -18.35 1.30
N CYS B 113 -19.50 -18.69 0.03
CA CYS B 113 -19.47 -20.06 -0.47
C CYS B 113 -18.02 -20.54 -0.52
N VAL B 114 -17.02 -19.67 -0.46
CA VAL B 114 -15.63 -20.06 -0.41
C VAL B 114 -15.02 -19.64 0.91
N GLU B 115 -14.36 -20.54 1.62
CA GLU B 115 -13.72 -20.24 2.90
C GLU B 115 -12.79 -19.06 2.76
N GLY B 116 -12.85 -18.10 3.67
CA GLY B 116 -12.02 -16.92 3.65
C GLY B 116 -12.22 -15.92 2.53
N MET B 117 -13.18 -16.10 1.63
CA MET B 117 -13.40 -15.16 0.56
C MET B 117 -14.23 -13.94 0.91
N VAL B 118 -15.14 -14.00 1.88
CA VAL B 118 -15.97 -12.87 2.27
C VAL B 118 -15.18 -11.62 2.63
N GLU B 119 -14.12 -11.78 3.39
CA GLU B 119 -13.30 -10.65 3.82
C GLU B 119 -12.80 -9.89 2.58
N ILE B 120 -12.22 -10.70 1.69
CA ILE B 120 -11.68 -10.13 0.44
C ILE B 120 -12.80 -9.47 -0.32
N PHE B 121 -14.00 -10.00 -0.50
CA PHE B 121 -15.05 -9.28 -1.20
C PHE B 121 -15.34 -7.94 -0.56
N ASP B 122 -15.52 -7.99 0.75
CA ASP B 122 -15.79 -6.82 1.60
C ASP B 122 -14.76 -5.73 1.38
N MET B 123 -13.47 -6.06 1.25
CA MET B 123 -12.55 -4.95 0.91
C MET B 123 -12.73 -4.47 -0.52
N LEU B 124 -13.04 -5.40 -1.46
CA LEU B 124 -13.23 -4.99 -2.84
C LEU B 124 -14.49 -4.12 -3.01
N LEU B 125 -15.56 -4.42 -2.30
CA LEU B 125 -16.75 -3.56 -2.44
C LEU B 125 -16.55 -2.19 -1.80
N ALA B 126 -15.81 -2.15 -0.69
CA ALA B 126 -15.55 -0.88 -0.04
C ALA B 126 -14.74 0.01 -0.98
N THR B 127 -13.73 -0.52 -1.68
CA THR B 127 -12.95 0.30 -2.63
C THR B 127 -13.88 0.74 -3.78
N SER B 128 -14.74 -0.17 -4.22
CA SER B 128 -15.69 0.21 -5.28
C SER B 128 -16.51 1.40 -4.81
N SER B 129 -17.21 1.33 -3.66
CA SER B 129 -17.95 2.55 -3.27
C SER B 129 -17.02 3.73 -3.04
N ARG B 130 -15.81 3.46 -2.47
CA ARG B 130 -14.94 4.62 -2.30
C ARG B 130 -14.74 5.28 -3.66
N PHE B 131 -14.49 4.57 -4.75
CA PHE B 131 -14.35 5.17 -6.08
C PHE B 131 -15.68 5.75 -6.58
N ARG B 132 -16.83 5.29 -6.15
CA ARG B 132 -18.11 5.88 -6.57
C ARG B 132 -18.21 7.26 -5.95
N MET B 133 -18.03 7.34 -4.64
CA MET B 133 -18.04 8.56 -3.87
C MET B 133 -17.20 9.66 -4.51
N MET B 134 -15.99 9.34 -4.96
CA MET B 134 -15.16 10.36 -5.57
C MET B 134 -15.48 10.60 -7.04
N ASN B 135 -16.36 9.77 -7.60
CA ASN B 135 -16.67 9.90 -9.02
C ASN B 135 -15.44 9.64 -9.88
N LEU B 136 -14.69 8.55 -9.58
CA LEU B 136 -13.52 8.29 -10.44
C LEU B 136 -13.89 8.34 -11.92
N GLN B 137 -12.97 8.79 -12.75
CA GLN B 137 -13.19 8.91 -14.19
C GLN B 137 -12.27 7.98 -14.98
N GLY B 138 -12.78 7.53 -16.13
CA GLY B 138 -12.05 6.64 -17.02
C GLY B 138 -10.60 7.04 -17.20
N GLU B 139 -10.35 8.31 -17.42
CA GLU B 139 -9.02 8.82 -17.64
C GLU B 139 -8.15 8.71 -16.39
N GLU B 140 -8.68 8.80 -15.17
CA GLU B 140 -7.87 8.72 -13.96
C GLU B 140 -7.54 7.28 -13.70
N PHE B 141 -8.60 6.49 -13.85
CA PHE B 141 -8.47 5.05 -13.71
C PHE B 141 -7.31 4.52 -14.52
N VAL B 142 -7.25 4.79 -15.83
CA VAL B 142 -6.12 4.28 -16.67
C VAL B 142 -4.72 4.61 -16.20
N CYS B 143 -4.61 5.74 -15.53
CA CYS B 143 -3.44 6.35 -14.97
C CYS B 143 -3.00 5.59 -13.74
N LEU B 144 -4.04 5.34 -12.93
CA LEU B 144 -3.80 4.63 -11.68
C LEU B 144 -3.31 3.22 -11.92
N LYS B 145 -3.95 2.52 -12.85
CA LYS B 145 -3.55 1.16 -13.19
C LYS B 145 -2.10 1.10 -13.63
N SER B 146 -1.67 2.08 -14.42
CA SER B 146 -0.33 2.25 -14.92
C SER B 146 0.64 2.50 -13.77
N ILE B 147 0.18 3.34 -12.82
CA ILE B 147 0.97 3.66 -11.64
C ILE B 147 1.10 2.35 -10.90
N ILE B 148 0.08 1.54 -10.64
CA ILE B 148 0.28 0.26 -10.03
C ILE B 148 1.29 -0.57 -10.79
N LEU B 149 1.25 -0.75 -12.13
CA LEU B 149 2.25 -1.58 -12.76
C LEU B 149 3.69 -1.20 -12.39
N LEU B 150 3.97 0.08 -12.50
CA LEU B 150 5.28 0.66 -12.30
C LEU B 150 5.71 0.82 -10.87
N ASN B 151 4.83 0.86 -9.88
CA ASN B 151 5.23 1.05 -8.52
C ASN B 151 5.50 -0.10 -7.60
N SER B 152 4.75 -1.16 -7.52
CA SER B 152 4.89 -2.27 -6.62
C SER B 152 6.20 -3.04 -6.57
N GLY B 153 6.99 -3.02 -7.61
CA GLY B 153 8.23 -3.76 -7.58
C GLY B 153 9.49 -3.00 -7.92
N VAL B 154 9.46 -1.68 -7.92
CA VAL B 154 10.67 -0.90 -8.20
C VAL B 154 11.56 -0.83 -6.96
N TYR B 155 10.95 -1.00 -5.79
CA TYR B 155 11.58 -1.01 -4.49
C TYR B 155 11.72 -2.46 -4.01
N THR B 156 12.00 -3.37 -4.93
CA THR B 156 12.20 -4.79 -4.72
C THR B 156 13.23 -5.30 -5.74
N PHE B 157 13.64 -4.45 -6.68
CA PHE B 157 14.64 -4.87 -7.67
C PHE B 157 15.88 -5.36 -6.92
N THR B 161 24.05 -3.95 -10.56
CA THR B 161 23.30 -2.94 -9.81
C THR B 161 23.59 -1.56 -10.36
N LEU B 162 24.34 -1.54 -11.47
CA LEU B 162 24.69 -0.30 -12.17
C LEU B 162 23.62 -0.02 -13.23
N LYS B 163 22.96 -1.10 -13.63
CA LYS B 163 21.88 -1.05 -14.62
C LYS B 163 20.55 -0.99 -13.87
N SER B 164 20.54 -1.41 -12.61
CA SER B 164 19.34 -1.38 -11.79
C SER B 164 19.08 0.03 -11.28
N LEU B 165 20.14 0.82 -11.19
CA LEU B 165 20.08 2.22 -10.77
C LEU B 165 19.78 3.12 -11.95
N GLU B 166 19.85 2.56 -13.15
CA GLU B 166 19.57 3.20 -14.43
C GLU B 166 18.11 2.92 -14.81
N GLU B 167 17.66 1.73 -14.44
CA GLU B 167 16.29 1.29 -14.68
C GLU B 167 15.38 1.98 -13.67
N LYS B 168 15.78 2.04 -12.40
CA LYS B 168 14.97 2.69 -11.38
C LYS B 168 14.67 4.13 -11.79
N ASP B 169 15.70 4.89 -12.20
CA ASP B 169 15.50 6.27 -12.63
C ASP B 169 14.54 6.33 -13.81
N HIS B 170 14.72 5.52 -14.83
CA HIS B 170 13.83 5.51 -15.97
C HIS B 170 12.38 5.25 -15.55
N ILE B 171 12.14 4.28 -14.69
CA ILE B 171 10.81 4.03 -14.19
C ILE B 171 10.35 5.27 -13.43
N HIS B 172 11.23 5.93 -12.67
CA HIS B 172 10.80 7.09 -11.89
C HIS B 172 10.33 8.20 -12.81
N ARG B 173 11.01 8.34 -13.93
CA ARG B 173 10.67 9.34 -14.94
C ARG B 173 9.31 9.01 -15.55
N VAL B 174 8.89 7.77 -15.79
CA VAL B 174 7.56 7.48 -16.27
C VAL B 174 6.53 7.77 -15.18
N LEU B 175 6.91 7.55 -13.89
CA LEU B 175 6.01 7.79 -12.80
C LEU B 175 5.66 9.24 -12.71
N ASP B 176 6.63 10.10 -12.90
CA ASP B 176 6.38 11.54 -12.94
C ASP B 176 5.45 11.96 -14.08
N LYS B 177 5.68 11.50 -15.32
CA LYS B 177 4.88 11.82 -16.51
C LYS B 177 3.44 11.37 -16.33
N ILE B 178 3.27 10.15 -15.81
CA ILE B 178 1.93 9.67 -15.45
C ILE B 178 1.36 10.61 -14.42
N THR B 179 2.10 11.01 -13.36
CA THR B 179 1.59 12.01 -12.43
C THR B 179 1.23 13.35 -13.09
N ASP B 180 2.02 13.88 -14.02
CA ASP B 180 1.64 15.14 -14.67
C ASP B 180 0.32 14.93 -15.42
N THR B 181 0.21 13.82 -16.16
CA THR B 181 -1.01 13.47 -16.83
C THR B 181 -2.24 13.49 -15.91
N LEU B 182 -2.20 12.94 -14.71
CA LEU B 182 -3.35 12.95 -13.81
C LEU B 182 -3.73 14.37 -13.37
N ILE B 183 -2.63 15.09 -13.02
CA ILE B 183 -2.82 16.49 -12.61
C ILE B 183 -3.41 17.27 -13.80
N HIS B 184 -2.98 16.93 -15.01
CA HIS B 184 -3.46 17.61 -16.19
C HIS B 184 -4.96 17.31 -16.33
N LEU B 185 -5.41 16.07 -16.15
CA LEU B 185 -6.83 15.88 -16.16
C LEU B 185 -7.61 16.74 -15.22
N MET B 186 -7.31 16.82 -13.94
CA MET B 186 -8.07 17.60 -12.97
C MET B 186 -7.99 19.09 -13.26
N ALA B 187 -6.84 19.53 -13.80
CA ALA B 187 -6.76 20.95 -14.13
C ALA B 187 -7.72 21.17 -15.31
N LYS B 188 -7.78 20.26 -16.29
CA LYS B 188 -8.74 20.43 -17.39
C LYS B 188 -10.17 20.31 -16.87
N ALA B 189 -10.44 19.60 -15.76
CA ALA B 189 -11.83 19.54 -15.27
C ALA B 189 -12.17 20.74 -14.39
N GLY B 190 -11.25 21.69 -14.26
CA GLY B 190 -11.49 22.89 -13.50
C GLY B 190 -11.13 22.85 -12.03
N LEU B 191 -10.38 21.84 -11.54
CA LEU B 191 -10.15 21.98 -10.09
C LEU B 191 -9.08 23.06 -9.84
N THR B 192 -9.28 23.58 -8.64
CA THR B 192 -8.33 24.56 -8.08
C THR B 192 -6.99 23.87 -7.89
N LEU B 193 -5.88 24.60 -7.84
CA LEU B 193 -4.60 23.92 -7.56
C LEU B 193 -4.67 23.18 -6.21
N GLN B 194 -5.25 23.83 -5.19
CA GLN B 194 -5.38 23.20 -3.89
C GLN B 194 -6.22 21.92 -4.01
N GLN B 195 -7.28 21.98 -4.81
CA GLN B 195 -8.19 20.90 -5.08
C GLN B 195 -7.57 19.76 -5.89
N GLN B 196 -6.66 20.05 -6.79
CA GLN B 196 -5.92 19.08 -7.58
C GLN B 196 -5.00 18.27 -6.64
N HIS B 197 -4.25 18.85 -5.70
CA HIS B 197 -3.37 18.10 -4.82
C HIS B 197 -4.08 17.20 -3.79
N GLN B 198 -5.19 17.73 -3.33
CA GLN B 198 -6.04 16.95 -2.44
C GLN B 198 -6.57 15.69 -3.11
N ARG B 199 -7.00 15.77 -4.36
CA ARG B 199 -7.52 14.63 -5.11
C ARG B 199 -6.36 13.80 -5.58
N LEU B 200 -5.23 14.34 -6.07
CA LEU B 200 -4.15 13.42 -6.42
C LEU B 200 -3.76 12.62 -5.16
N ALA B 201 -3.72 13.22 -3.97
CA ALA B 201 -3.40 12.47 -2.75
C ALA B 201 -4.49 11.50 -2.35
N GLN B 202 -5.78 11.76 -2.60
CA GLN B 202 -6.75 10.75 -2.15
C GLN B 202 -6.78 9.56 -3.11
N LEU B 203 -6.42 9.73 -4.38
CA LEU B 203 -6.37 8.55 -5.25
C LEU B 203 -5.18 7.67 -4.88
N LEU B 204 -4.09 8.36 -4.53
CA LEU B 204 -2.84 7.63 -4.29
C LEU B 204 -2.91 6.87 -2.98
N LEU B 205 -3.73 7.27 -2.01
CA LEU B 205 -3.85 6.53 -0.75
C LEU B 205 -4.74 5.33 -0.94
N ILE B 206 -5.56 5.29 -2.01
CA ILE B 206 -6.39 4.09 -2.18
C ILE B 206 -5.50 2.98 -2.71
N LEU B 207 -4.41 3.34 -3.39
CA LEU B 207 -3.45 2.35 -3.88
C LEU B 207 -2.93 1.45 -2.75
N SER B 208 -2.67 2.06 -1.62
CA SER B 208 -2.22 1.38 -0.38
C SER B 208 -3.18 0.32 0.04
N HIS B 209 -4.47 0.50 -0.07
CA HIS B 209 -5.54 -0.41 0.27
C HIS B 209 -5.60 -1.49 -0.79
N ILE B 210 -5.29 -1.04 -2.04
CA ILE B 210 -5.18 -2.03 -3.07
C ILE B 210 -4.00 -2.92 -2.73
N ARG B 211 -2.81 -2.44 -2.39
CA ARG B 211 -1.69 -3.39 -2.07
C ARG B 211 -2.07 -4.37 -0.97
N HIS B 212 -2.75 -3.78 0.01
CA HIS B 212 -3.25 -4.58 1.14
C HIS B 212 -4.17 -5.69 0.69
N MET B 213 -5.15 -5.42 -0.17
CA MET B 213 -6.04 -6.47 -0.67
C MET B 213 -5.27 -7.46 -1.50
N SER B 214 -4.31 -7.07 -2.28
CA SER B 214 -3.58 -8.06 -3.06
C SER B 214 -2.79 -9.01 -2.17
N ASN B 215 -2.15 -8.52 -1.07
CA ASN B 215 -1.42 -9.46 -0.20
C ASN B 215 -2.46 -10.33 0.49
N LYS B 216 -3.67 -9.86 0.80
CA LYS B 216 -4.54 -10.92 1.37
C LYS B 216 -4.98 -11.91 0.30
N GLY B 217 -5.26 -11.40 -0.89
CA GLY B 217 -5.70 -12.24 -1.98
C GLY B 217 -4.64 -13.24 -2.36
N MET B 218 -3.33 -12.95 -2.38
CA MET B 218 -2.40 -14.02 -2.73
C MET B 218 -2.37 -15.06 -1.58
N GLU B 219 -2.60 -14.64 -0.32
CA GLU B 219 -2.54 -15.63 0.74
C GLU B 219 -3.64 -16.66 0.47
N HIS B 220 -4.83 -16.09 0.17
CA HIS B 220 -6.00 -16.90 -0.05
C HIS B 220 -5.87 -17.90 -1.18
N LEU B 221 -5.42 -17.41 -2.33
CA LEU B 221 -5.21 -18.17 -3.53
C LEU B 221 -4.27 -19.33 -3.29
N TYR B 222 -3.22 -18.99 -2.51
CA TYR B 222 -2.27 -20.01 -2.14
C TYR B 222 -2.93 -21.02 -1.22
N SER B 223 -3.79 -20.59 -0.32
CA SER B 223 -4.40 -21.57 0.59
C SER B 223 -5.24 -22.48 -0.31
N MET B 224 -6.22 -22.00 -1.05
CA MET B 224 -6.98 -22.76 -2.01
C MET B 224 -6.13 -23.69 -2.87
N LYS B 225 -4.94 -23.30 -3.32
CA LYS B 225 -4.08 -24.20 -4.06
C LYS B 225 -3.70 -25.42 -3.24
N CYS B 226 -3.14 -25.19 -2.05
CA CYS B 226 -2.66 -26.20 -1.12
C CYS B 226 -3.74 -27.19 -0.75
N LYS B 227 -5.00 -26.76 -0.78
CA LYS B 227 -6.15 -27.57 -0.56
C LYS B 227 -6.67 -28.24 -1.84
N ASN B 228 -5.98 -28.26 -2.97
CA ASN B 228 -6.42 -28.86 -4.22
C ASN B 228 -7.81 -28.52 -4.72
N VAL B 229 -8.18 -27.25 -4.68
CA VAL B 229 -9.43 -26.68 -5.12
C VAL B 229 -9.17 -25.86 -6.38
N VAL B 230 -7.90 -25.63 -6.69
CA VAL B 230 -7.48 -24.86 -7.84
C VAL B 230 -6.86 -25.70 -8.95
N PRO B 231 -7.48 -25.63 -10.12
CA PRO B 231 -7.04 -26.32 -11.31
C PRO B 231 -5.67 -25.81 -11.72
N LEU B 232 -4.92 -26.59 -12.49
CA LEU B 232 -3.58 -26.15 -12.88
C LEU B 232 -3.49 -25.33 -14.17
N TYR B 233 -3.70 -24.03 -14.04
CA TYR B 233 -3.60 -23.08 -15.15
C TYR B 233 -2.15 -22.59 -15.10
N ASP B 234 -1.38 -22.99 -16.08
CA ASP B 234 0.02 -22.69 -16.20
C ASP B 234 0.43 -21.26 -15.89
N LEU B 235 -0.01 -20.30 -16.69
CA LEU B 235 0.39 -18.92 -16.44
C LEU B 235 -0.01 -18.44 -15.04
N LEU B 236 -1.23 -18.68 -14.58
CA LEU B 236 -1.65 -18.19 -13.28
C LEU B 236 -0.77 -18.78 -12.19
N LEU B 237 -0.53 -20.08 -12.12
CA LEU B 237 0.32 -20.64 -11.08
C LEU B 237 1.75 -20.12 -11.23
N GLU B 238 2.26 -19.94 -12.44
CA GLU B 238 3.60 -19.41 -12.62
C GLU B 238 3.66 -18.04 -11.98
N MET B 239 2.68 -17.16 -12.17
CA MET B 239 2.63 -15.85 -11.56
C MET B 239 2.44 -15.96 -10.01
N LEU B 240 1.80 -16.99 -9.50
CA LEU B 240 1.60 -17.20 -8.08
C LEU B 240 2.92 -17.62 -7.42
N ASP B 241 3.67 -18.46 -8.10
CA ASP B 241 4.93 -18.97 -7.58
C ASP B 241 6.01 -17.95 -7.36
N ALA B 242 6.17 -16.95 -8.21
CA ALA B 242 7.19 -15.93 -8.04
C ALA B 242 7.01 -15.05 -6.80
N HIS B 243 5.87 -15.05 -6.14
CA HIS B 243 5.71 -14.30 -4.90
C HIS B 243 6.33 -15.17 -3.80
N ARG B 244 6.00 -16.45 -3.92
CA ARG B 244 6.44 -17.49 -3.00
C ARG B 244 7.95 -17.67 -3.07
N ASN C 1 -8.25 -4.01 29.32
CA ASN C 1 -8.23 -3.25 28.02
C ASN C 1 -7.11 -2.21 28.03
N ALA C 2 -5.92 -2.61 27.60
CA ALA C 2 -4.77 -1.69 27.58
C ALA C 2 -5.04 -0.43 26.77
N LEU C 3 -5.04 -0.55 25.47
CA LEU C 3 -5.25 0.55 24.54
C LEU C 3 -6.29 1.56 24.98
N LEU C 4 -7.48 1.11 25.38
CA LEU C 4 -8.53 1.98 25.84
C LEU C 4 -8.15 2.77 27.08
N ARG C 5 -7.61 2.13 28.09
CA ARG C 5 -7.23 2.82 29.31
C ARG C 5 -6.30 3.99 29.07
N TYR C 6 -5.35 3.83 28.15
CA TYR C 6 -4.45 4.86 27.69
C TYR C 6 -5.12 5.87 26.78
N LEU C 7 -6.26 5.64 26.12
CA LEU C 7 -6.82 6.73 25.33
C LEU C 7 -7.58 7.66 26.29
N LEU C 8 -8.17 7.10 27.34
CA LEU C 8 -8.88 7.93 28.31
C LEU C 8 -8.01 8.70 29.29
N ASP C 9 -6.80 8.24 29.60
CA ASP C 9 -5.96 8.95 30.55
C ASP C 9 -5.45 10.26 29.95
N ASN D 1 7.96 -21.13 -19.55
CA ASN D 1 8.25 -19.73 -19.07
C ASN D 1 7.31 -18.78 -19.80
N ALA D 2 6.03 -19.08 -19.56
CA ALA D 2 4.86 -18.40 -20.10
C ALA D 2 4.98 -16.89 -20.13
N LEU D 3 5.18 -16.24 -18.99
CA LEU D 3 5.29 -14.78 -19.00
C LEU D 3 6.39 -14.29 -19.92
N LEU D 4 7.62 -14.83 -19.85
CA LEU D 4 8.67 -14.44 -20.76
C LEU D 4 8.27 -14.59 -22.23
N ARG D 5 7.77 -15.78 -22.55
CA ARG D 5 7.37 -16.09 -23.92
C ARG D 5 6.35 -15.10 -24.42
N TYR D 6 5.38 -14.73 -23.59
CA TYR D 6 4.43 -13.71 -24.04
C TYR D 6 5.18 -12.40 -24.07
N LEU D 7 6.10 -12.07 -23.17
CA LEU D 7 6.77 -10.80 -23.30
C LEU D 7 7.60 -10.70 -24.57
N LEU D 8 8.06 -11.82 -25.07
CA LEU D 8 8.86 -11.83 -26.32
C LEU D 8 7.92 -11.84 -27.52
N ASP D 9 6.79 -12.52 -27.41
CA ASP D 9 5.83 -12.59 -28.51
C ASP D 9 5.42 -11.20 -29.01
#